data_6E8Q
#
_entry.id   6E8Q
#
_cell.length_a   77.350
_cell.length_b   66.560
_cell.length_c   80.770
_cell.angle_alpha   90.00
_cell.angle_beta   98.47
_cell.angle_gamma   90.00
#
_symmetry.space_group_name_H-M   'P 1 21 1'
#
loop_
_entity.id
_entity.type
_entity.pdbx_description
1 polymer 'Lanosterol 14-alpha demethylase'
2 non-polymer 'PROTOPORPHYRIN IX CONTAINING FE'
3 non-polymer POSACONAZOLE
4 non-polymer 'PENTAETHYLENE GLYCOL'
5 non-polymer DODECYL-BETA-D-MALTOSIDE
6 water water
#
_entity_poly.entity_id   1
_entity_poly.type   'polypeptide(L)'
_entity_poly.pdbx_seq_one_letter_code
;MSATKSIVGEALEYVNIGLSHFLALPLAQRISLIIIIPFIYNIVWQLLYSLRKDRPPLVFYWIPWVGSAVVYGMKPYEFF
EECQKKYGDIFSFVLLGRVMTVYLGPKGHEFVFNAKLADVSAEAAYAHLTTPVFGKGVIYDCPNSRLMEQKKFVKGALTK
EAFKSYVPLIAEEVYKYFRDSKNFRLNERTTGTIDVMVTQPEMTIFTASRSLLGKEMRAKLDTDFAYLYSDLDKGFTPIN
FVFPNLPLEHYRKRDHAQKAISGTYMSLIKERRKNNDIQDRDLIDSLMKNSTYKDGVKMTDQEIANLLIGVLMGGQHTSA
ATSAWILLHLAERPDVQQELYEEQMRVLDGGKKELTYDLLQEMPLLNQTIKETLRMHHPLHSLFRKVMKDMHVPNTSYVI
PAGYHVLVSPGYTHLRDEYFPNAHQFNIHRWNNDSASSYSVGEEVDYGFGAISKGVSSPYLPFGGGRHRCIGEHFAYCQL
GVLMSIFIRTLKWHYPEGKTVPPPDFTSMVTLPTGPAKIIWEKRNPEQKIGGRHHHHHH
;
_entity_poly.pdbx_strand_id   A
#
# COMPACT_ATOMS: atom_id res chain seq x y z
N VAL A 8 -29.80 6.12 55.32
CA VAL A 8 -29.94 5.99 53.87
C VAL A 8 -30.05 7.38 53.23
N GLY A 9 -31.12 8.11 53.55
CA GLY A 9 -31.18 9.51 53.15
C GLY A 9 -30.02 10.30 53.70
N GLU A 10 -29.57 9.96 54.92
CA GLU A 10 -28.37 10.58 55.47
C GLU A 10 -27.15 10.29 54.61
N ALA A 11 -27.13 9.14 53.94
CA ALA A 11 -26.03 8.83 53.05
C ALA A 11 -26.05 9.70 51.81
N LEU A 12 -27.25 9.97 51.28
CA LEU A 12 -27.31 10.75 50.06
C LEU A 12 -26.97 12.22 50.29
N GLU A 13 -27.22 12.75 51.50
CA GLU A 13 -26.72 14.08 51.83
C GLU A 13 -25.19 14.09 51.75
N TYR A 14 -24.53 13.03 52.25
CA TYR A 14 -23.08 12.99 52.23
C TYR A 14 -22.51 12.75 50.84
N VAL A 15 -23.30 12.17 49.93
CA VAL A 15 -22.92 12.18 48.52
C VAL A 15 -22.79 13.61 48.02
N ASN A 16 -23.85 14.41 48.23
CA ASN A 16 -23.81 15.82 47.84
C ASN A 16 -22.71 16.56 48.57
N ILE A 17 -22.53 16.29 49.87
CA ILE A 17 -21.44 16.94 50.60
C ILE A 17 -20.09 16.58 50.00
N GLY A 18 -19.91 15.31 49.63
CA GLY A 18 -18.65 14.89 49.06
C GLY A 18 -18.41 15.45 47.66
N LEU A 19 -19.48 15.54 46.86
CA LEU A 19 -19.35 16.25 45.59
C LEU A 19 -18.93 17.69 45.79
N SER A 20 -19.40 18.30 46.88
CA SER A 20 -19.04 19.69 47.18
C SER A 20 -17.57 19.78 47.59
N HIS A 21 -17.08 18.81 48.38
CA HIS A 21 -15.67 18.85 48.76
C HIS A 21 -14.75 18.43 47.63
N PHE A 22 -15.25 17.61 46.70
CA PHE A 22 -14.50 17.32 45.48
C PHE A 22 -14.16 18.58 44.71
N LEU A 23 -15.18 19.42 44.43
CA LEU A 23 -14.96 20.63 43.65
C LEU A 23 -14.00 21.59 44.33
N ALA A 24 -13.91 21.53 45.66
CA ALA A 24 -13.08 22.45 46.44
C ALA A 24 -11.66 21.96 46.63
N LEU A 25 -11.26 20.88 45.97
CA LEU A 25 -9.89 20.41 46.12
C LEU A 25 -8.92 21.38 45.45
N PRO A 26 -7.70 21.51 45.98
CA PRO A 26 -6.67 22.28 45.29
C PRO A 26 -6.46 21.77 43.87
N LEU A 27 -6.21 22.71 42.94
CA LEU A 27 -6.04 22.35 41.53
C LEU A 27 -4.89 21.37 41.30
N ALA A 28 -3.95 21.27 42.25
CA ALA A 28 -2.93 20.23 42.15
C ALA A 28 -3.58 18.86 42.21
N GLN A 29 -4.55 18.68 43.09
CA GLN A 29 -5.22 17.40 43.26
C GLN A 29 -6.37 17.20 42.28
N ARG A 30 -7.06 18.27 41.90
CA ARG A 30 -8.07 18.15 40.85
C ARG A 30 -7.45 17.64 39.56
N ILE A 31 -6.29 18.20 39.19
CA ILE A 31 -5.57 17.73 38.01
C ILE A 31 -5.07 16.30 38.23
N SER A 32 -4.51 16.02 39.41
CA SER A 32 -4.09 14.66 39.72
C SER A 32 -5.24 13.68 39.56
N LEU A 33 -6.38 13.98 40.19
CA LEU A 33 -7.53 13.09 40.08
C LEU A 33 -8.04 13.00 38.65
N ILE A 34 -7.82 14.04 37.86
CA ILE A 34 -8.24 14.01 36.46
C ILE A 34 -7.37 13.05 35.66
N ILE A 35 -6.19 12.70 36.17
CA ILE A 35 -5.35 11.66 35.57
C ILE A 35 -5.51 10.33 36.29
N ILE A 36 -5.61 10.35 37.61
CA ILE A 36 -5.70 9.11 38.38
C ILE A 36 -6.99 8.37 38.09
N ILE A 37 -8.11 9.09 38.02
CA ILE A 37 -9.42 8.44 37.90
C ILE A 37 -9.55 7.72 36.55
N PRO A 38 -9.26 8.37 35.41
CA PRO A 38 -9.36 7.62 34.14
C PRO A 38 -8.42 6.42 34.09
N PHE A 39 -7.21 6.54 34.64
CA PHE A 39 -6.30 5.40 34.71
C PHE A 39 -6.94 4.23 35.47
N ILE A 40 -7.50 4.50 36.65
CA ILE A 40 -8.07 3.43 37.46
C ILE A 40 -9.28 2.82 36.76
N TYR A 41 -10.18 3.66 36.25
CA TYR A 41 -11.34 3.14 35.53
C TYR A 41 -10.90 2.25 34.38
N ASN A 42 -9.83 2.65 33.67
CA ASN A 42 -9.35 1.86 32.54
C ASN A 42 -9.01 0.43 32.97
N ILE A 43 -8.16 0.30 34.00
CA ILE A 43 -7.81 -1.03 34.51
C ILE A 43 -9.04 -1.76 35.02
N VAL A 44 -9.93 -1.05 35.73
CA VAL A 44 -11.12 -1.69 36.27
C VAL A 44 -12.03 -2.16 35.14
N TRP A 45 -12.14 -1.37 34.08
CA TRP A 45 -12.98 -1.77 32.95
C TRP A 45 -12.41 -2.97 32.21
N GLN A 46 -11.08 -3.00 31.99
CA GLN A 46 -10.48 -4.15 31.30
C GLN A 46 -10.69 -5.44 32.07
N LEU A 47 -10.47 -5.39 33.39
CA LEU A 47 -10.70 -6.56 34.24
C LEU A 47 -12.13 -7.06 34.07
N LEU A 48 -13.10 -6.15 34.16
CA LEU A 48 -14.49 -6.54 33.96
C LEU A 48 -14.75 -7.00 32.52
N TYR A 49 -14.11 -6.33 31.55
CA TYR A 49 -14.27 -6.72 30.15
C TYR A 49 -13.77 -8.14 29.90
N SER A 50 -12.66 -8.52 30.55
CA SER A 50 -12.10 -9.85 30.41
C SER A 50 -13.03 -10.96 30.88
N LEU A 51 -14.16 -10.61 31.49
CA LEU A 51 -15.14 -11.62 31.90
C LEU A 51 -16.05 -12.04 30.75
N ARG A 52 -16.28 -11.14 29.79
CA ARG A 52 -17.22 -11.39 28.72
C ARG A 52 -16.83 -12.62 27.91
N LYS A 53 -17.80 -13.54 27.75
CA LYS A 53 -17.65 -14.68 26.86
C LYS A 53 -17.82 -14.33 25.40
N ASP A 54 -18.57 -13.26 25.11
CA ASP A 54 -18.94 -12.89 23.75
C ASP A 54 -17.97 -11.89 23.12
N ARG A 55 -16.78 -11.74 23.68
CA ARG A 55 -15.76 -10.83 23.19
C ARG A 55 -14.42 -11.54 23.10
N PRO A 56 -13.69 -11.35 22.00
CA PRO A 56 -12.32 -11.86 21.95
C PRO A 56 -11.51 -11.27 23.07
N PRO A 57 -10.44 -11.95 23.50
CA PRO A 57 -9.53 -11.35 24.47
C PRO A 57 -9.04 -9.99 24.01
N LEU A 58 -8.95 -9.05 24.96
CA LEU A 58 -8.42 -7.72 24.71
C LEU A 58 -7.01 -7.61 25.27
N VAL A 59 -6.08 -7.15 24.45
CA VAL A 59 -4.71 -6.95 24.91
C VAL A 59 -4.67 -5.90 25.99
N PHE A 60 -4.06 -6.23 27.13
CA PHE A 60 -3.97 -5.30 28.22
C PHE A 60 -3.02 -4.15 27.89
N TYR A 61 -3.36 -2.97 28.39
CA TYR A 61 -2.62 -1.75 28.13
C TYR A 61 -2.79 -0.81 29.33
N TRP A 62 -1.78 0.03 29.57
CA TRP A 62 -1.75 0.93 30.73
C TRP A 62 -2.30 2.31 30.42
N ILE A 63 -1.87 2.93 29.33
CA ILE A 63 -2.25 4.29 28.99
C ILE A 63 -3.63 4.27 28.34
N PRO A 64 -4.61 4.97 28.89
CA PRO A 64 -5.92 5.03 28.23
C PRO A 64 -5.84 5.76 26.90
N TRP A 65 -6.77 5.40 26.01
CA TRP A 65 -6.89 5.95 24.67
C TRP A 65 -5.73 5.58 23.75
N VAL A 66 -4.50 5.79 24.22
CA VAL A 66 -3.32 5.43 23.43
C VAL A 66 -3.31 3.93 23.16
N GLY A 67 -3.35 3.14 24.23
CA GLY A 67 -3.44 1.70 24.09
C GLY A 67 -2.12 1.07 23.67
N SER A 68 -2.24 0.04 22.82
CA SER A 68 -1.09 -0.68 22.29
C SER A 68 -0.48 -0.03 21.05
N ALA A 69 -0.74 1.27 20.84
CA ALA A 69 -0.35 1.94 19.59
C ALA A 69 1.16 1.84 19.35
N VAL A 70 1.96 1.94 20.40
CA VAL A 70 3.40 2.08 20.20
C VAL A 70 4.00 0.78 19.69
N VAL A 71 3.75 -0.34 20.38
CA VAL A 71 4.34 -1.61 19.98
C VAL A 71 3.77 -2.08 18.64
N TYR A 72 2.49 -1.80 18.40
CA TYR A 72 1.88 -2.14 17.12
C TYR A 72 2.57 -1.40 15.98
N GLY A 73 2.82 -0.09 16.15
CA GLY A 73 3.56 0.65 15.14
C GLY A 73 4.99 0.17 14.97
N MET A 74 5.66 -0.17 16.08
CA MET A 74 7.07 -0.53 16.02
C MET A 74 7.28 -1.85 15.27
N LYS A 75 6.68 -2.93 15.74
CA LYS A 75 6.82 -4.25 15.12
C LYS A 75 5.49 -4.99 15.18
N PRO A 76 4.58 -4.69 14.23
CA PRO A 76 3.23 -5.30 14.31
C PRO A 76 3.25 -6.80 14.15
N TYR A 77 4.10 -7.36 13.29
CA TYR A 77 4.10 -8.81 13.15
C TYR A 77 4.59 -9.49 14.42
N GLU A 78 5.58 -8.90 15.08
CA GLU A 78 6.01 -9.43 16.37
C GLU A 78 4.94 -9.24 17.42
N PHE A 79 4.25 -8.08 17.40
CA PHE A 79 3.08 -7.88 18.26
C PHE A 79 2.02 -8.94 18.00
N PHE A 80 1.73 -9.23 16.72
CA PHE A 80 0.70 -10.22 16.41
C PHE A 80 1.12 -11.62 16.86
N GLU A 81 2.41 -11.96 16.74
CA GLU A 81 2.81 -13.32 17.10
C GLU A 81 2.66 -13.58 18.59
N GLU A 82 2.98 -12.59 19.43
CA GLU A 82 2.82 -12.81 20.87
C GLU A 82 1.34 -12.87 21.26
N CYS A 83 0.53 -11.96 20.71
CA CYS A 83 -0.91 -12.05 20.94
C CYS A 83 -1.47 -13.39 20.47
N GLN A 84 -0.98 -13.90 19.34
CA GLN A 84 -1.45 -15.20 18.85
C GLN A 84 -1.05 -16.34 19.78
N LYS A 85 0.10 -16.21 20.47
CA LYS A 85 0.52 -17.29 21.36
C LYS A 85 -0.25 -17.29 22.68
N LYS A 86 -0.67 -16.12 23.16
CA LYS A 86 -1.45 -16.04 24.39
C LYS A 86 -2.94 -16.27 24.16
N TYR A 87 -3.49 -15.82 23.03
CA TYR A 87 -4.93 -15.77 22.85
C TYR A 87 -5.47 -16.56 21.66
N GLY A 88 -4.61 -17.13 20.80
CA GLY A 88 -5.10 -17.65 19.55
C GLY A 88 -5.20 -16.58 18.47
N ASP A 89 -6.04 -16.86 17.47
CA ASP A 89 -6.00 -16.12 16.21
C ASP A 89 -6.91 -14.90 16.17
N ILE A 90 -7.86 -14.77 17.10
CA ILE A 90 -8.72 -13.61 17.13
C ILE A 90 -8.61 -12.93 18.49
N PHE A 91 -8.31 -11.64 18.48
CA PHE A 91 -8.05 -10.87 19.68
C PHE A 91 -8.19 -9.40 19.32
N SER A 92 -8.43 -8.57 20.32
CA SER A 92 -8.58 -7.14 20.12
C SER A 92 -7.47 -6.39 20.84
N PHE A 93 -7.25 -5.16 20.40
CA PHE A 93 -6.37 -4.23 21.11
C PHE A 93 -6.84 -2.81 20.81
N VAL A 94 -6.58 -1.92 21.73
CA VAL A 94 -7.03 -0.55 21.48
C VAL A 94 -5.90 0.22 20.83
N LEU A 95 -6.28 1.20 20.00
CA LEU A 95 -5.34 1.89 19.12
C LEU A 95 -5.80 3.34 18.96
N LEU A 96 -5.12 4.26 19.65
CA LEU A 96 -5.38 5.71 19.55
C LEU A 96 -6.87 6.02 19.48
N GLY A 97 -7.63 5.41 20.39
CA GLY A 97 -9.05 5.67 20.55
C GLY A 97 -9.98 4.61 19.99
N ARG A 98 -9.49 3.72 19.11
CA ARG A 98 -10.32 2.70 18.50
C ARG A 98 -9.99 1.32 19.07
N VAL A 99 -10.95 0.40 19.01
CA VAL A 99 -10.73 -1.00 19.36
C VAL A 99 -10.53 -1.79 18.07
N MET A 100 -9.35 -2.34 17.88
CA MET A 100 -9.04 -3.12 16.68
C MET A 100 -9.16 -4.60 17.03
N THR A 101 -10.01 -5.33 16.30
CA THR A 101 -10.12 -6.79 16.44
C THR A 101 -9.37 -7.46 15.29
N VAL A 102 -8.26 -8.11 15.64
CA VAL A 102 -7.40 -8.82 14.69
C VAL A 102 -7.90 -10.26 14.53
N TYR A 103 -8.03 -10.71 13.28
CA TYR A 103 -8.32 -12.11 12.99
C TYR A 103 -7.20 -12.62 12.10
N LEU A 104 -6.23 -13.34 12.70
CA LEU A 104 -5.05 -13.80 11.98
C LEU A 104 -5.32 -15.07 11.20
N GLY A 105 -4.64 -15.18 10.04
CA GLY A 105 -4.60 -16.39 9.27
C GLY A 105 -5.67 -16.45 8.20
N PRO A 106 -5.66 -17.54 7.41
CA PRO A 106 -6.62 -17.67 6.30
C PRO A 106 -8.08 -17.43 6.70
N LYS A 107 -8.50 -17.91 7.88
CA LYS A 107 -9.89 -17.67 8.26
C LYS A 107 -10.14 -16.20 8.59
N GLY A 108 -9.10 -15.46 8.95
CA GLY A 108 -9.24 -14.02 9.11
C GLY A 108 -9.33 -13.29 7.78
N HIS A 109 -8.57 -13.76 6.78
CA HIS A 109 -8.78 -13.27 5.42
C HIS A 109 -10.25 -13.43 5.05
N GLU A 110 -10.80 -14.61 5.34
CA GLU A 110 -12.19 -14.90 4.97
C GLU A 110 -13.15 -14.01 5.75
N PHE A 111 -12.88 -13.82 7.05
CA PHE A 111 -13.79 -13.03 7.88
C PHE A 111 -13.86 -11.58 7.43
N VAL A 112 -12.74 -11.00 7.00
CA VAL A 112 -12.69 -9.56 6.74
C VAL A 112 -12.82 -9.25 5.26
N PHE A 113 -12.08 -9.96 4.40
CA PHE A 113 -12.12 -9.64 2.98
C PHE A 113 -13.47 -10.02 2.36
N ASN A 114 -14.13 -11.07 2.86
CA ASN A 114 -15.43 -11.49 2.33
C ASN A 114 -16.59 -11.12 3.26
N ALA A 115 -16.36 -10.25 4.24
CA ALA A 115 -17.44 -9.74 5.06
C ALA A 115 -18.53 -9.14 4.19
N LYS A 116 -19.78 -9.23 4.64
CA LYS A 116 -20.87 -8.66 3.88
C LYS A 116 -20.75 -7.13 3.87
N LEU A 117 -21.13 -6.52 2.75
CA LEU A 117 -21.07 -5.08 2.60
C LEU A 117 -21.84 -4.36 3.71
N ALA A 118 -22.90 -4.98 4.22
CA ALA A 118 -23.65 -4.39 5.32
C ALA A 118 -22.90 -4.44 6.64
N ASP A 119 -21.95 -5.37 6.80
CA ASP A 119 -21.33 -5.56 8.10
C ASP A 119 -20.18 -4.61 8.35
N VAL A 120 -19.38 -4.29 7.32
CA VAL A 120 -18.14 -3.54 7.50
C VAL A 120 -18.04 -2.44 6.46
N SER A 121 -17.20 -1.44 6.75
CA SER A 121 -16.99 -0.31 5.86
C SER A 121 -15.51 -0.05 5.72
N ALA A 122 -15.01 -0.09 4.48
CA ALA A 122 -13.64 0.34 4.25
C ALA A 122 -13.54 1.86 4.19
N GLU A 123 -14.53 2.55 3.59
CA GLU A 123 -14.41 4.00 3.48
C GLU A 123 -14.45 4.66 4.85
N ALA A 124 -15.19 4.06 5.80
CA ALA A 124 -15.20 4.59 7.16
C ALA A 124 -13.85 4.44 7.84
N ALA A 125 -13.04 3.48 7.42
CA ALA A 125 -11.73 3.33 8.03
C ALA A 125 -10.68 4.20 7.35
N TYR A 126 -10.84 4.45 6.07
CA TYR A 126 -9.77 4.95 5.23
C TYR A 126 -9.94 6.39 4.77
N ALA A 127 -11.17 6.94 4.82
CA ALA A 127 -11.44 8.20 4.13
C ALA A 127 -10.57 9.34 4.65
N HIS A 128 -10.25 9.34 5.94
CA HIS A 128 -9.44 10.42 6.48
C HIS A 128 -7.98 10.30 6.06
N LEU A 129 -7.52 9.07 5.78
CA LEU A 129 -6.18 8.86 5.25
C LEU A 129 -6.04 9.41 3.84
N THR A 130 -7.05 9.22 2.99
CA THR A 130 -6.90 9.41 1.54
C THR A 130 -7.60 10.67 1.00
N THR A 131 -8.80 10.99 1.46
CA THR A 131 -9.52 12.13 0.89
C THR A 131 -8.74 13.44 0.97
N PRO A 132 -8.07 13.80 2.08
CA PRO A 132 -7.28 15.04 2.09
C PRO A 132 -6.11 15.02 1.11
N VAL A 133 -5.71 13.87 0.57
CA VAL A 133 -4.61 13.80 -0.39
C VAL A 133 -5.12 13.74 -1.81
N PHE A 134 -6.15 12.93 -2.05
CA PHE A 134 -6.60 12.67 -3.41
C PHE A 134 -7.57 13.75 -3.87
N GLY A 135 -8.41 14.24 -2.97
CA GLY A 135 -9.50 15.12 -3.32
C GLY A 135 -10.83 14.46 -3.06
N LYS A 136 -11.89 15.24 -3.28
CA LYS A 136 -13.23 14.82 -2.94
C LYS A 136 -13.85 13.93 -4.03
N GLY A 137 -14.85 13.16 -3.62
CA GLY A 137 -15.74 12.49 -4.56
C GLY A 137 -15.31 11.10 -5.01
N VAL A 138 -14.09 10.66 -4.69
CA VAL A 138 -13.59 9.42 -5.27
C VAL A 138 -12.99 8.53 -4.20
N ILE A 139 -12.86 7.24 -4.56
CA ILE A 139 -12.19 6.19 -3.81
C ILE A 139 -12.90 5.96 -2.49
N TYR A 140 -12.48 6.62 -1.42
CA TYR A 140 -13.17 6.48 -0.14
C TYR A 140 -14.04 7.69 0.21
N ASP A 141 -14.07 8.72 -0.62
CA ASP A 141 -15.00 9.82 -0.38
C ASP A 141 -16.26 9.67 -1.24
N CYS A 142 -16.92 8.52 -1.10
CA CYS A 142 -18.08 8.17 -1.91
C CYS A 142 -18.61 6.82 -1.46
N PRO A 143 -19.84 6.48 -1.83
CA PRO A 143 -20.36 5.13 -1.53
C PRO A 143 -19.58 4.01 -2.21
N ASN A 144 -19.71 2.82 -1.63
CA ASN A 144 -18.96 1.67 -2.13
C ASN A 144 -19.28 1.37 -3.60
N SER A 145 -20.53 1.54 -4.03
CA SER A 145 -20.88 1.21 -5.41
C SER A 145 -20.25 2.20 -6.40
N ARG A 146 -19.93 3.40 -5.95
CA ARG A 146 -19.18 4.32 -6.80
C ARG A 146 -17.72 3.87 -6.91
N LEU A 147 -17.12 3.47 -5.78
CA LEU A 147 -15.80 2.85 -5.79
C LEU A 147 -15.73 1.65 -6.73
N MET A 148 -16.76 0.79 -6.68
CA MET A 148 -16.77 -0.39 -7.54
C MET A 148 -16.68 0.00 -9.01
N GLU A 149 -17.40 1.04 -9.42
CA GLU A 149 -17.36 1.42 -10.83
C GLU A 149 -16.12 2.22 -11.17
N GLN A 150 -15.61 2.99 -10.21
CA GLN A 150 -14.32 3.64 -10.42
C GLN A 150 -13.24 2.61 -10.71
N LYS A 151 -13.22 1.51 -9.95
CA LYS A 151 -12.30 0.42 -10.21
C LYS A 151 -12.53 -0.20 -11.60
N LYS A 152 -13.81 -0.28 -12.03
CA LYS A 152 -14.09 -0.75 -13.39
C LYS A 152 -13.57 0.22 -14.45
N PHE A 153 -13.75 1.52 -14.24
CA PHE A 153 -13.23 2.51 -15.19
C PHE A 153 -11.71 2.38 -15.34
N VAL A 154 -11.00 2.36 -14.20
CA VAL A 154 -9.54 2.30 -14.23
C VAL A 154 -9.08 1.00 -14.88
N LYS A 155 -9.66 -0.13 -14.47
CA LYS A 155 -9.31 -1.42 -15.05
C LYS A 155 -9.46 -1.43 -16.55
N GLY A 156 -10.28 -0.53 -17.11
CA GLY A 156 -10.47 -0.48 -18.54
C GLY A 156 -9.24 0.00 -19.29
N ALA A 157 -8.36 0.73 -18.62
CA ALA A 157 -7.09 1.09 -19.24
C ALA A 157 -5.98 0.12 -18.87
N LEU A 158 -6.29 -0.95 -18.13
CA LEU A 158 -5.28 -1.90 -17.65
C LEU A 158 -5.45 -3.23 -18.36
N THR A 159 -5.42 -3.20 -19.67
CA THR A 159 -5.68 -4.39 -20.46
C THR A 159 -4.36 -4.91 -21.00
N LYS A 160 -4.38 -6.18 -21.43
CA LYS A 160 -3.20 -6.77 -22.06
C LYS A 160 -2.67 -5.89 -23.17
N GLU A 161 -3.57 -5.30 -23.97
CA GLU A 161 -3.11 -4.42 -25.05
C GLU A 161 -2.56 -3.12 -24.49
N ALA A 162 -3.15 -2.61 -23.41
CA ALA A 162 -2.52 -1.49 -22.74
C ALA A 162 -1.12 -1.87 -22.26
N PHE A 163 -0.97 -3.05 -21.66
CA PHE A 163 0.36 -3.44 -21.19
C PHE A 163 1.34 -3.62 -22.35
N LYS A 164 0.86 -4.10 -23.49
CA LYS A 164 1.75 -4.25 -24.64
C LYS A 164 2.33 -2.92 -25.08
N SER A 165 1.56 -1.82 -25.01
CA SER A 165 2.14 -0.53 -25.35
C SER A 165 2.86 0.15 -24.18
N TYR A 166 2.55 -0.20 -22.92
CA TYR A 166 3.28 0.41 -21.81
C TYR A 166 4.73 -0.04 -21.75
N VAL A 167 5.01 -1.28 -22.20
CA VAL A 167 6.33 -1.87 -22.00
C VAL A 167 7.45 -1.06 -22.66
N PRO A 168 7.40 -0.73 -23.95
CA PRO A 168 8.47 0.11 -24.49
C PRO A 168 8.51 1.50 -23.87
N LEU A 169 7.38 2.01 -23.36
CA LEU A 169 7.39 3.31 -22.70
C LEU A 169 8.12 3.25 -21.37
N ILE A 170 7.79 2.23 -20.57
CA ILE A 170 8.44 2.04 -19.28
C ILE A 170 9.94 1.76 -19.50
N ALA A 171 10.26 0.94 -20.51
CA ALA A 171 11.65 0.66 -20.83
C ALA A 171 12.40 1.95 -21.18
N GLU A 172 11.80 2.80 -22.03
CA GLU A 172 12.44 4.06 -22.39
C GLU A 172 12.72 4.91 -21.17
N GLU A 173 11.75 4.99 -20.25
CA GLU A 173 11.93 5.77 -19.04
C GLU A 173 13.08 5.24 -18.17
N VAL A 174 13.14 3.91 -18.00
CA VAL A 174 14.23 3.31 -17.21
C VAL A 174 15.59 3.67 -17.83
N TYR A 175 15.74 3.49 -19.14
CA TYR A 175 17.00 3.85 -19.80
C TYR A 175 17.28 5.35 -19.68
N LYS A 176 16.28 6.20 -19.86
CA LYS A 176 16.49 7.64 -19.70
C LYS A 176 17.00 7.96 -18.30
N TYR A 177 16.48 7.26 -17.31
CA TYR A 177 16.92 7.47 -15.94
C TYR A 177 18.35 6.96 -15.73
N PHE A 178 18.70 5.81 -16.29
CA PHE A 178 20.11 5.39 -16.21
C PHE A 178 21.01 6.43 -16.87
N ARG A 179 20.56 7.01 -17.98
CA ARG A 179 21.38 7.98 -18.71
C ARG A 179 21.51 9.30 -17.95
N ASP A 180 20.42 9.83 -17.42
CA ASP A 180 20.39 11.23 -17.00
C ASP A 180 20.47 11.45 -15.49
N SER A 181 19.96 10.54 -14.67
CA SER A 181 19.88 10.83 -13.24
C SER A 181 21.26 10.94 -12.65
N LYS A 182 21.38 11.86 -11.67
CA LYS A 182 22.60 11.97 -10.87
C LYS A 182 23.04 10.63 -10.31
N ASN A 183 22.08 9.77 -9.96
CA ASN A 183 22.39 8.52 -9.28
C ASN A 183 23.05 7.50 -10.19
N PHE A 184 22.99 7.68 -11.49
CA PHE A 184 23.58 6.72 -12.41
C PHE A 184 24.55 7.41 -13.38
N ARG A 185 24.03 7.99 -14.46
CA ARG A 185 24.87 8.53 -15.53
C ARG A 185 25.78 7.42 -16.06
N LEU A 186 25.15 6.42 -16.69
CA LEU A 186 25.90 5.25 -17.14
C LEU A 186 26.81 5.58 -18.32
N ASN A 187 26.55 6.69 -19.02
CA ASN A 187 27.45 7.11 -20.08
C ASN A 187 28.73 7.74 -19.54
N GLU A 188 28.77 8.14 -18.28
CA GLU A 188 29.97 8.75 -17.71
C GLU A 188 30.60 7.91 -16.59
N ARG A 189 29.82 7.07 -15.92
CA ARG A 189 30.29 6.31 -14.75
C ARG A 189 30.00 4.84 -14.95
N THR A 190 30.97 3.99 -14.59
CA THR A 190 30.81 2.54 -14.69
C THR A 190 30.46 1.91 -13.34
N THR A 191 30.51 2.67 -12.26
CA THR A 191 30.10 2.17 -10.96
C THR A 191 29.67 3.35 -10.11
N GLY A 192 28.91 3.06 -9.05
CA GLY A 192 28.48 4.11 -8.13
C GLY A 192 27.64 3.53 -7.00
N THR A 193 27.30 4.41 -6.06
CA THR A 193 26.49 4.07 -4.89
C THR A 193 25.17 4.83 -4.92
N ILE A 194 24.07 4.14 -4.65
CA ILE A 194 22.75 4.77 -4.66
C ILE A 194 22.00 4.40 -3.39
N ASP A 195 21.10 5.28 -2.99
CA ASP A 195 20.11 4.98 -1.95
C ASP A 195 18.83 4.57 -2.66
N VAL A 196 18.41 3.31 -2.46
CA VAL A 196 17.27 2.78 -3.22
C VAL A 196 15.96 3.47 -2.85
N MET A 197 15.87 4.11 -1.68
CA MET A 197 14.67 4.91 -1.40
C MET A 197 14.75 6.29 -2.02
N VAL A 198 15.86 6.63 -2.68
CA VAL A 198 15.93 7.80 -3.55
C VAL A 198 15.62 7.43 -4.99
N THR A 199 16.32 6.42 -5.52
CA THR A 199 16.16 6.07 -6.93
C THR A 199 14.80 5.44 -7.22
N GLN A 200 14.24 4.67 -6.29
CA GLN A 200 13.09 3.90 -6.70
C GLN A 200 11.81 4.74 -6.70
N PRO A 201 11.59 5.65 -5.74
CA PRO A 201 10.46 6.57 -5.93
C PRO A 201 10.54 7.40 -7.22
N GLU A 202 11.76 7.81 -7.62
CA GLU A 202 11.89 8.57 -8.86
C GLU A 202 11.60 7.70 -10.09
N MET A 203 12.17 6.49 -10.15
CA MET A 203 11.91 5.62 -11.29
C MET A 203 10.44 5.24 -11.34
N THR A 204 9.83 5.03 -10.17
CA THR A 204 8.42 4.65 -10.13
C THR A 204 7.51 5.79 -10.64
N ILE A 205 7.79 7.04 -10.26
CA ILE A 205 6.91 8.11 -10.74
C ILE A 205 7.16 8.40 -12.22
N PHE A 206 8.42 8.37 -12.67
CA PHE A 206 8.70 8.57 -14.09
C PHE A 206 8.02 7.51 -14.95
N THR A 207 8.11 6.23 -14.58
CA THR A 207 7.54 5.19 -15.43
C THR A 207 6.03 5.14 -15.33
N ALA A 208 5.47 5.37 -14.14
CA ALA A 208 4.01 5.37 -14.00
C ALA A 208 3.39 6.60 -14.66
N SER A 209 4.05 7.75 -14.56
CA SER A 209 3.55 8.95 -15.24
C SER A 209 3.46 8.71 -16.74
N ARG A 210 4.57 8.30 -17.34
CA ARG A 210 4.66 8.19 -18.80
C ARG A 210 3.57 7.31 -19.35
N SER A 211 3.36 6.14 -18.72
CA SER A 211 2.43 5.12 -19.21
C SER A 211 0.98 5.39 -18.75
N LEU A 212 0.74 5.65 -17.47
CA LEU A 212 -0.65 5.81 -17.04
C LEU A 212 -1.18 7.23 -17.34
N LEU A 213 -0.39 8.26 -17.04
CA LEU A 213 -0.82 9.65 -17.19
C LEU A 213 -0.60 10.18 -18.59
N GLY A 214 0.47 9.75 -19.27
CA GLY A 214 0.72 10.14 -20.65
C GLY A 214 1.92 11.06 -20.78
N LYS A 215 2.18 11.41 -22.04
CA LYS A 215 3.42 12.09 -22.37
C LYS A 215 3.46 13.49 -21.77
N GLU A 216 2.32 14.21 -21.79
CA GLU A 216 2.30 15.57 -21.26
C GLU A 216 2.59 15.58 -19.76
N MET A 217 1.89 14.74 -19.00
CA MET A 217 2.07 14.76 -17.56
C MET A 217 3.48 14.29 -17.18
N ARG A 218 4.03 13.34 -17.92
CA ARG A 218 5.44 12.98 -17.72
C ARG A 218 6.33 14.19 -17.96
N ALA A 219 6.10 14.91 -19.05
CA ALA A 219 6.89 16.10 -19.34
C ALA A 219 6.83 17.11 -18.19
N LYS A 220 5.70 17.21 -17.49
CA LYS A 220 5.63 18.11 -16.34
C LYS A 220 6.71 17.80 -15.30
N LEU A 221 7.15 16.55 -15.21
CA LEU A 221 8.06 16.19 -14.12
C LEU A 221 9.48 16.68 -14.37
N ASP A 222 9.83 17.05 -15.60
CA ASP A 222 11.07 17.75 -15.89
C ASP A 222 11.01 19.26 -15.60
N THR A 223 10.00 19.75 -14.88
CA THR A 223 9.91 21.16 -14.53
C THR A 223 9.80 21.29 -13.01
N ASP A 224 9.87 22.53 -12.52
CA ASP A 224 9.70 22.76 -11.09
C ASP A 224 8.30 22.38 -10.62
N PHE A 225 7.43 21.96 -11.53
CA PHE A 225 6.15 21.36 -11.16
C PHE A 225 6.34 20.08 -10.36
N ALA A 226 7.47 19.38 -10.57
CA ALA A 226 7.75 18.17 -9.82
C ALA A 226 7.73 18.43 -8.32
N TYR A 227 7.99 19.66 -7.89
CA TYR A 227 7.98 19.95 -6.46
C TYR A 227 6.59 19.82 -5.86
N LEU A 228 5.54 20.05 -6.65
CA LEU A 228 4.19 19.86 -6.14
C LEU A 228 3.92 18.38 -5.90
N TYR A 229 4.47 17.51 -6.75
CA TYR A 229 4.34 16.07 -6.52
C TYR A 229 5.01 15.67 -5.22
N SER A 230 6.17 16.27 -4.92
CA SER A 230 6.82 16.03 -3.64
C SER A 230 5.93 16.48 -2.48
N ASP A 231 5.34 17.68 -2.59
CA ASP A 231 4.45 18.19 -1.56
C ASP A 231 3.24 17.27 -1.35
N LEU A 232 2.58 16.88 -2.44
CA LEU A 232 1.43 15.98 -2.28
C LEU A 232 1.87 14.64 -1.70
N ASP A 233 2.98 14.10 -2.21
CA ASP A 233 3.46 12.81 -1.73
C ASP A 233 3.75 12.86 -0.23
N LYS A 234 4.27 13.99 0.25
CA LYS A 234 4.51 14.11 1.70
C LYS A 234 3.20 14.12 2.49
N GLY A 235 2.11 14.60 1.91
CA GLY A 235 0.82 14.56 2.60
C GLY A 235 0.22 13.15 2.74
N PHE A 236 0.81 12.15 2.11
CA PHE A 236 0.32 10.76 2.17
C PHE A 236 1.07 10.05 3.29
N THR A 237 0.57 10.21 4.52
CA THR A 237 1.24 9.77 5.76
C THR A 237 0.18 9.25 6.73
N PRO A 238 0.49 8.24 7.55
CA PRO A 238 -0.50 7.73 8.51
C PRO A 238 -0.87 8.73 9.60
N ILE A 239 -0.16 9.85 9.71
CA ILE A 239 -0.61 10.95 10.57
C ILE A 239 -2.05 11.34 10.24
N ASN A 240 -2.45 11.26 8.97
CA ASN A 240 -3.82 11.63 8.60
C ASN A 240 -4.87 10.78 9.29
N PHE A 241 -4.52 9.59 9.77
CA PHE A 241 -5.43 8.80 10.59
C PHE A 241 -5.83 9.53 11.86
N VAL A 242 -4.93 10.37 12.40
CA VAL A 242 -5.18 11.12 13.62
C VAL A 242 -5.43 12.59 13.33
N PHE A 243 -4.53 13.22 12.57
CA PHE A 243 -4.60 14.65 12.25
C PHE A 243 -4.67 14.84 10.74
N PRO A 244 -5.84 14.62 10.14
CA PRO A 244 -5.97 14.87 8.69
C PRO A 244 -5.91 16.34 8.32
N ASN A 245 -6.29 17.25 9.24
CA ASN A 245 -6.25 18.69 8.97
C ASN A 245 -5.77 19.43 10.21
N LEU A 246 -4.58 20.03 10.11
CA LEU A 246 -3.98 20.87 11.12
C LEU A 246 -3.57 22.18 10.47
N PRO A 247 -3.79 23.31 11.15
CA PRO A 247 -3.42 24.61 10.54
C PRO A 247 -1.92 24.84 10.47
N LEU A 248 -1.17 23.87 9.95
CA LEU A 248 0.28 23.95 9.80
C LEU A 248 0.66 24.03 8.32
N GLU A 249 1.95 24.26 8.08
CA GLU A 249 2.44 24.44 6.72
C GLU A 249 2.51 23.11 5.95
N HIS A 250 2.76 22.00 6.64
CA HIS A 250 2.69 20.69 5.99
C HIS A 250 1.36 20.51 5.26
N TYR A 251 0.26 20.83 5.94
CA TYR A 251 -1.06 20.65 5.36
C TYR A 251 -1.36 21.67 4.27
N ARG A 252 -0.72 22.84 4.31
CA ARG A 252 -0.99 23.86 3.28
C ARG A 252 -0.28 23.53 1.98
N LYS A 253 0.96 23.01 2.06
CA LYS A 253 1.64 22.55 0.85
C LYS A 253 0.89 21.38 0.21
N ARG A 254 0.43 20.43 1.04
CA ARG A 254 -0.34 19.29 0.53
C ARG A 254 -1.60 19.75 -0.19
N ASP A 255 -2.44 20.55 0.48
CA ASP A 255 -3.69 21.03 -0.10
C ASP A 255 -3.45 21.85 -1.37
N HIS A 256 -2.48 22.76 -1.32
CA HIS A 256 -2.10 23.50 -2.52
C HIS A 256 -1.72 22.55 -3.66
N ALA A 257 -0.91 21.55 -3.34
CA ALA A 257 -0.44 20.62 -4.36
C ALA A 257 -1.61 19.84 -4.99
N GLN A 258 -2.54 19.37 -4.16
CA GLN A 258 -3.69 18.64 -4.70
C GLN A 258 -4.47 19.49 -5.69
N LYS A 259 -4.69 20.77 -5.34
CA LYS A 259 -5.37 21.68 -6.25
C LYS A 259 -4.52 21.95 -7.49
N ALA A 260 -3.23 22.22 -7.30
CA ALA A 260 -2.38 22.52 -8.45
C ALA A 260 -2.26 21.33 -9.39
N ILE A 261 -2.11 20.12 -8.82
CA ILE A 261 -1.93 18.93 -9.64
C ILE A 261 -3.24 18.52 -10.29
N SER A 262 -4.34 18.49 -9.54
CA SER A 262 -5.61 18.14 -10.16
C SER A 262 -6.04 19.19 -11.19
N GLY A 263 -5.71 20.46 -10.94
CA GLY A 263 -5.90 21.49 -11.95
C GLY A 263 -5.15 21.19 -13.23
N THR A 264 -3.93 20.66 -13.11
CA THR A 264 -3.14 20.30 -14.29
C THR A 264 -3.78 19.17 -15.08
N TYR A 265 -4.36 18.18 -14.40
CA TYR A 265 -5.05 17.11 -15.10
C TYR A 265 -6.33 17.62 -15.75
N MET A 266 -7.13 18.40 -15.01
CA MET A 266 -8.33 18.99 -15.60
C MET A 266 -7.97 19.88 -16.79
N SER A 267 -6.86 20.59 -16.72
CA SER A 267 -6.43 21.38 -17.87
C SER A 267 -6.27 20.48 -19.11
N LEU A 268 -5.53 19.39 -18.97
CA LEU A 268 -5.29 18.51 -20.12
C LEU A 268 -6.59 17.85 -20.58
N ILE A 269 -7.42 17.41 -19.63
CA ILE A 269 -8.70 16.78 -19.95
C ILE A 269 -9.56 17.74 -20.77
N LYS A 270 -9.68 19.00 -20.32
CA LYS A 270 -10.52 19.97 -21.04
C LYS A 270 -9.92 20.31 -22.39
N GLU A 271 -8.59 20.41 -22.50
CA GLU A 271 -7.99 20.64 -23.81
C GLU A 271 -8.28 19.50 -24.75
N ARG A 272 -8.16 18.26 -24.27
CA ARG A 272 -8.41 17.11 -25.14
C ARG A 272 -9.85 17.12 -25.65
N ARG A 273 -10.81 17.39 -24.76
CA ARG A 273 -12.22 17.41 -25.17
C ARG A 273 -12.51 18.57 -26.11
N LYS A 274 -11.90 19.74 -25.86
CA LYS A 274 -12.09 20.89 -26.73
C LYS A 274 -11.59 20.63 -28.15
N ASN A 275 -10.60 19.76 -28.32
CA ASN A 275 -10.02 19.48 -29.63
C ASN A 275 -10.45 18.13 -30.19
N ASN A 276 -11.43 17.47 -29.57
CA ASN A 276 -11.80 16.09 -29.88
C ASN A 276 -10.58 15.18 -29.96
N ASP A 277 -9.56 15.47 -29.17
CA ASP A 277 -8.32 14.71 -29.17
C ASP A 277 -8.37 13.66 -28.06
N ILE A 278 -9.25 12.68 -28.25
CA ILE A 278 -9.47 11.63 -27.27
C ILE A 278 -9.18 10.30 -27.96
N GLN A 279 -8.05 9.68 -27.61
CA GLN A 279 -7.59 8.43 -28.20
C GLN A 279 -7.58 7.30 -27.19
N ASP A 280 -6.63 6.38 -27.33
CA ASP A 280 -6.42 5.27 -26.40
C ASP A 280 -4.98 5.25 -25.90
N ARG A 281 -4.46 6.43 -25.54
CA ARG A 281 -3.05 6.58 -25.22
C ARG A 281 -2.76 6.22 -23.77
N ASP A 282 -3.60 6.64 -22.83
CA ASP A 282 -3.24 6.60 -21.42
C ASP A 282 -4.52 6.43 -20.61
N LEU A 283 -4.39 6.46 -19.28
CA LEU A 283 -5.58 6.31 -18.45
C LEU A 283 -6.47 7.55 -18.47
N ILE A 284 -5.90 8.72 -18.80
CA ILE A 284 -6.71 9.92 -18.93
C ILE A 284 -7.69 9.79 -20.10
N ASP A 285 -7.18 9.43 -21.29
CA ASP A 285 -8.06 9.08 -22.42
C ASP A 285 -9.15 8.11 -22.00
N SER A 286 -8.76 7.02 -21.34
CA SER A 286 -9.71 5.98 -20.97
C SER A 286 -10.82 6.52 -20.07
N LEU A 287 -10.45 7.27 -19.02
CA LEU A 287 -11.49 7.79 -18.11
C LEU A 287 -12.34 8.86 -18.79
N MET A 288 -11.79 9.60 -19.76
CA MET A 288 -12.64 10.53 -20.50
C MET A 288 -13.70 9.77 -21.29
N LYS A 289 -13.36 8.60 -21.84
CA LYS A 289 -14.31 7.86 -22.67
C LYS A 289 -15.23 6.96 -21.87
N ASN A 290 -14.92 6.70 -20.61
CA ASN A 290 -15.57 5.61 -19.92
C ASN A 290 -15.60 5.95 -18.42
N SER A 291 -16.46 6.90 -18.05
CA SER A 291 -16.60 7.26 -16.63
C SER A 291 -18.04 7.63 -16.31
N THR A 292 -18.98 6.91 -16.88
CA THR A 292 -20.40 7.10 -16.57
C THR A 292 -20.87 5.95 -15.69
N TYR A 293 -21.36 6.28 -14.50
CA TYR A 293 -21.91 5.30 -13.58
C TYR A 293 -23.21 4.68 -14.12
N LYS A 294 -23.63 3.60 -13.46
CA LYS A 294 -24.76 2.80 -13.95
C LYS A 294 -26.10 3.50 -13.73
N ASP A 295 -26.14 4.56 -12.92
CA ASP A 295 -27.36 5.35 -12.79
C ASP A 295 -27.36 6.58 -13.69
N GLY A 296 -26.41 6.66 -14.65
CA GLY A 296 -26.34 7.75 -15.61
C GLY A 296 -25.48 8.94 -15.22
N VAL A 297 -25.15 9.13 -13.94
CA VAL A 297 -24.28 10.24 -13.55
C VAL A 297 -22.90 10.06 -14.15
N LYS A 298 -22.35 11.13 -14.70
CA LYS A 298 -20.97 11.14 -15.16
C LYS A 298 -20.07 11.68 -14.06
N MET A 299 -18.85 11.13 -13.99
CA MET A 299 -17.83 11.72 -13.13
C MET A 299 -17.49 13.11 -13.64
N THR A 300 -17.22 14.04 -12.71
CA THR A 300 -16.74 15.35 -13.09
C THR A 300 -15.25 15.29 -13.44
N ASP A 301 -14.80 16.31 -14.18
CA ASP A 301 -13.38 16.44 -14.46
C ASP A 301 -12.57 16.53 -13.16
N GLN A 302 -13.15 17.15 -12.13
CA GLN A 302 -12.48 17.17 -10.83
C GLN A 302 -12.38 15.76 -10.24
N GLU A 303 -13.46 14.98 -10.35
CA GLU A 303 -13.43 13.63 -9.79
C GLU A 303 -12.49 12.72 -10.58
N ILE A 304 -12.45 12.87 -11.90
CA ILE A 304 -11.52 12.11 -12.74
C ILE A 304 -10.09 12.41 -12.34
N ALA A 305 -9.76 13.69 -12.14
CA ALA A 305 -8.41 14.07 -11.75
C ALA A 305 -8.07 13.57 -10.34
N ASN A 306 -9.04 13.60 -9.43
CA ASN A 306 -8.78 13.09 -8.09
C ASN A 306 -8.60 11.58 -8.13
N LEU A 307 -9.28 10.89 -9.04
CA LEU A 307 -9.10 9.45 -9.17
C LEU A 307 -7.73 9.13 -9.75
N LEU A 308 -7.29 9.90 -10.75
CA LEU A 308 -5.92 9.79 -11.25
C LEU A 308 -4.90 9.95 -10.13
N ILE A 309 -5.07 10.98 -9.29
CA ILE A 309 -4.16 11.21 -8.18
C ILE A 309 -4.12 10.00 -7.27
N GLY A 310 -5.29 9.49 -6.90
CA GLY A 310 -5.35 8.35 -6.01
C GLY A 310 -4.66 7.14 -6.60
N VAL A 311 -5.00 6.80 -7.85
CA VAL A 311 -4.48 5.59 -8.47
C VAL A 311 -2.96 5.68 -8.58
N LEU A 312 -2.48 6.84 -9.05
CA LEU A 312 -1.03 7.06 -9.17
C LEU A 312 -0.34 7.03 -7.81
N MET A 313 -0.98 7.59 -6.78
CA MET A 313 -0.32 7.71 -5.49
C MET A 313 -0.28 6.38 -4.73
N GLY A 314 -1.37 5.62 -4.76
CA GLY A 314 -1.33 4.29 -4.16
C GLY A 314 -0.33 3.38 -4.86
N GLY A 315 -0.46 3.26 -6.18
CA GLY A 315 0.54 2.57 -6.98
C GLY A 315 1.95 3.08 -6.76
N GLN A 316 2.12 4.39 -6.54
CA GLN A 316 3.46 4.96 -6.31
C GLN A 316 4.15 4.30 -5.12
N HIS A 317 3.48 4.24 -3.98
CA HIS A 317 4.14 3.80 -2.75
C HIS A 317 4.29 2.29 -2.69
N THR A 318 3.27 1.53 -3.10
CA THR A 318 3.41 0.08 -3.13
C THR A 318 4.51 -0.34 -4.09
N SER A 319 4.54 0.25 -5.29
CA SER A 319 5.51 -0.23 -6.29
C SER A 319 6.94 0.19 -5.92
N ALA A 320 7.13 1.45 -5.49
CA ALA A 320 8.46 1.91 -5.14
C ALA A 320 9.04 1.13 -3.98
N ALA A 321 8.23 0.89 -2.94
CA ALA A 321 8.71 0.05 -1.84
C ALA A 321 9.13 -1.32 -2.36
N THR A 322 8.37 -1.90 -3.30
CA THR A 322 8.63 -3.27 -3.73
C THR A 322 9.90 -3.35 -4.58
N SER A 323 10.11 -2.41 -5.50
CA SER A 323 11.35 -2.49 -6.27
C SER A 323 12.56 -2.21 -5.39
N ALA A 324 12.41 -1.38 -4.35
CA ALA A 324 13.51 -1.16 -3.40
C ALA A 324 13.88 -2.48 -2.70
N TRP A 325 12.88 -3.21 -2.23
CA TRP A 325 13.12 -4.49 -1.59
C TRP A 325 13.71 -5.52 -2.57
N ILE A 326 13.25 -5.55 -3.84
CA ILE A 326 13.82 -6.51 -4.78
C ILE A 326 15.31 -6.26 -4.92
N LEU A 327 15.69 -4.99 -5.08
CA LEU A 327 17.09 -4.62 -5.19
C LEU A 327 17.85 -4.99 -3.93
N LEU A 328 17.24 -4.78 -2.76
CA LEU A 328 17.92 -5.05 -1.50
C LEU A 328 18.12 -6.55 -1.28
N HIS A 329 17.12 -7.38 -1.60
CA HIS A 329 17.33 -8.83 -1.49
C HIS A 329 18.35 -9.32 -2.50
N LEU A 330 18.35 -8.78 -3.73
CA LEU A 330 19.33 -9.26 -4.71
C LEU A 330 20.75 -8.76 -4.46
N ALA A 331 20.93 -7.65 -3.74
CA ALA A 331 22.28 -7.15 -3.49
C ALA A 331 23.15 -8.11 -2.71
N GLU A 332 22.56 -9.00 -1.90
CA GLU A 332 23.32 -10.04 -1.20
C GLU A 332 23.13 -11.42 -1.81
N ARG A 333 22.50 -11.50 -2.98
CA ARG A 333 22.24 -12.78 -3.63
C ARG A 333 22.78 -12.73 -5.04
N PRO A 334 24.10 -12.67 -5.21
CA PRO A 334 24.67 -12.70 -6.56
C PRO A 334 24.30 -13.95 -7.32
N ASP A 335 23.86 -15.01 -6.63
CA ASP A 335 23.44 -16.23 -7.31
C ASP A 335 22.12 -16.01 -8.05
N VAL A 336 21.16 -15.37 -7.38
CA VAL A 336 19.89 -15.03 -8.01
C VAL A 336 20.10 -14.07 -9.18
N GLN A 337 20.96 -13.05 -9.01
CA GLN A 337 21.23 -12.13 -10.13
C GLN A 337 21.74 -12.89 -11.35
N GLN A 338 22.60 -13.88 -11.13
CA GLN A 338 23.17 -14.66 -12.23
C GLN A 338 22.08 -15.50 -12.91
N GLU A 339 21.25 -16.16 -12.12
CA GLU A 339 20.13 -16.93 -12.64
C GLU A 339 19.13 -16.05 -13.39
N LEU A 340 18.84 -14.85 -12.86
CA LEU A 340 17.99 -13.92 -13.62
C LEU A 340 18.66 -13.50 -14.91
N TYR A 341 19.97 -13.23 -14.88
CA TYR A 341 20.67 -12.84 -16.08
C TYR A 341 20.57 -13.90 -17.17
N GLU A 342 20.72 -15.19 -16.80
CA GLU A 342 20.66 -16.26 -17.79
C GLU A 342 19.28 -16.34 -18.42
N GLU A 343 18.23 -16.22 -17.61
CA GLU A 343 16.88 -16.19 -18.14
C GLU A 343 16.69 -15.04 -19.13
N GLN A 344 17.23 -13.86 -18.80
CA GLN A 344 17.17 -12.73 -19.73
C GLN A 344 17.88 -13.05 -21.05
N MET A 345 19.02 -13.76 -21.00
CA MET A 345 19.74 -14.04 -22.24
C MET A 345 19.01 -15.07 -23.07
N ARG A 346 18.43 -16.07 -22.41
CA ARG A 346 17.68 -17.10 -23.12
C ARG A 346 16.40 -16.51 -23.71
N VAL A 347 15.60 -15.84 -22.90
CA VAL A 347 14.32 -15.34 -23.39
C VAL A 347 14.51 -14.27 -24.44
N LEU A 348 15.55 -13.43 -24.32
CA LEU A 348 15.70 -12.31 -25.25
C LEU A 348 16.78 -12.55 -26.30
N ASP A 349 17.11 -13.82 -26.57
CA ASP A 349 18.10 -14.17 -27.59
C ASP A 349 19.37 -13.36 -27.44
N GLY A 350 19.95 -13.39 -26.23
CA GLY A 350 21.20 -12.69 -26.01
C GLY A 350 21.10 -11.18 -25.96
N GLY A 351 19.89 -10.65 -25.86
CA GLY A 351 19.67 -9.22 -25.93
C GLY A 351 19.26 -8.71 -27.30
N LYS A 352 19.30 -9.57 -28.32
CA LYS A 352 18.95 -9.15 -29.66
C LYS A 352 17.44 -9.10 -29.89
N LYS A 353 16.63 -9.42 -28.89
CA LYS A 353 15.20 -9.22 -28.95
C LYS A 353 14.84 -8.04 -28.06
N GLU A 354 13.88 -7.25 -28.53
CA GLU A 354 13.34 -6.18 -27.71
C GLU A 354 12.36 -6.77 -26.71
N LEU A 355 12.43 -6.27 -25.47
CA LEU A 355 11.47 -6.64 -24.45
C LEU A 355 10.05 -6.26 -24.91
N THR A 356 9.12 -7.19 -24.73
CA THR A 356 7.70 -6.98 -25.02
C THR A 356 6.90 -7.52 -23.85
N TYR A 357 5.62 -7.14 -23.77
CA TYR A 357 4.77 -7.70 -22.74
C TYR A 357 4.73 -9.23 -22.79
N ASP A 358 4.64 -9.79 -24.00
CA ASP A 358 4.49 -11.23 -24.10
C ASP A 358 5.78 -11.95 -23.68
N LEU A 359 6.95 -11.38 -24.01
CA LEU A 359 8.20 -12.00 -23.58
C LEU A 359 8.37 -11.93 -22.07
N LEU A 360 7.84 -10.87 -21.44
CA LEU A 360 7.83 -10.77 -19.98
C LEU A 360 7.16 -11.98 -19.35
N GLN A 361 6.07 -12.44 -19.97
CA GLN A 361 5.35 -13.61 -19.47
C GLN A 361 6.15 -14.89 -19.63
N GLU A 362 7.21 -14.88 -20.45
CA GLU A 362 8.10 -16.02 -20.58
C GLU A 362 9.31 -15.93 -19.65
N MET A 363 9.26 -15.07 -18.63
CA MET A 363 10.37 -14.91 -17.68
C MET A 363 9.90 -15.33 -16.29
N PRO A 364 9.69 -16.63 -16.08
CA PRO A 364 9.11 -17.06 -14.79
C PRO A 364 9.99 -16.73 -13.58
N LEU A 365 11.33 -16.83 -13.69
CA LEU A 365 12.18 -16.55 -12.54
C LEU A 365 12.12 -15.07 -12.14
N LEU A 366 12.10 -14.17 -13.13
CA LEU A 366 11.89 -12.75 -12.84
C LEU A 366 10.58 -12.53 -12.09
N ASN A 367 9.49 -13.09 -12.59
CA ASN A 367 8.19 -12.92 -11.94
C ASN A 367 8.14 -13.59 -10.57
N GLN A 368 8.85 -14.72 -10.42
CA GLN A 368 8.97 -15.37 -9.11
C GLN A 368 9.70 -14.48 -8.11
N THR A 369 10.71 -13.72 -8.58
CA THR A 369 11.45 -12.82 -7.70
C THR A 369 10.57 -11.69 -7.17
N ILE A 370 9.73 -11.12 -8.03
CA ILE A 370 8.71 -10.17 -7.59
C ILE A 370 7.79 -10.85 -6.58
N LYS A 371 7.29 -12.03 -6.93
CA LYS A 371 6.31 -12.74 -6.11
C LYS A 371 6.86 -13.03 -4.70
N GLU A 372 8.14 -13.43 -4.62
CA GLU A 372 8.76 -13.75 -3.33
C GLU A 372 9.03 -12.50 -2.51
N THR A 373 9.42 -11.42 -3.17
CA THR A 373 9.59 -10.14 -2.48
C THR A 373 8.27 -9.68 -1.88
N LEU A 374 7.19 -9.76 -2.66
CA LEU A 374 5.86 -9.42 -2.14
C LEU A 374 5.44 -10.36 -1.03
N ARG A 375 5.96 -11.60 -1.02
CA ARG A 375 5.67 -12.48 0.12
C ARG A 375 6.34 -11.95 1.38
N MET A 376 7.64 -11.61 1.29
CA MET A 376 8.38 -11.21 2.46
C MET A 376 8.13 -9.77 2.86
N HIS A 377 7.59 -8.97 1.96
CA HIS A 377 7.44 -7.56 2.17
C HIS A 377 6.06 -7.15 1.62
N HIS A 378 5.00 -7.58 2.27
CA HIS A 378 3.70 -6.99 1.96
C HIS A 378 3.78 -5.50 2.24
N PRO A 379 3.52 -4.63 1.25
CA PRO A 379 3.67 -3.19 1.52
C PRO A 379 2.66 -2.65 2.50
N LEU A 380 1.56 -3.36 2.73
CA LEU A 380 0.53 -2.92 3.68
C LEU A 380 0.38 -4.01 4.73
N HIS A 381 0.93 -3.78 5.93
CA HIS A 381 0.93 -4.84 6.93
C HIS A 381 -0.46 -5.07 7.53
N SER A 382 -1.33 -4.07 7.47
CA SER A 382 -2.62 -4.09 8.14
C SER A 382 -3.67 -3.46 7.23
N LEU A 383 -4.77 -4.17 7.01
CA LEU A 383 -5.92 -3.63 6.30
C LEU A 383 -7.11 -3.56 7.26
N PHE A 384 -7.88 -2.46 7.19
CA PHE A 384 -8.90 -2.14 8.16
C PHE A 384 -10.28 -2.09 7.53
N ARG A 385 -11.27 -2.32 8.40
CA ARG A 385 -12.68 -2.01 8.15
C ARG A 385 -13.28 -1.58 9.48
N LYS A 386 -14.20 -0.63 9.45
CA LYS A 386 -15.04 -0.32 10.60
C LYS A 386 -16.25 -1.25 10.61
N VAL A 387 -16.55 -1.82 11.76
CA VAL A 387 -17.69 -2.72 11.90
C VAL A 387 -18.98 -1.92 12.02
N MET A 388 -19.94 -2.19 11.12
CA MET A 388 -21.16 -1.41 11.01
C MET A 388 -22.37 -2.07 11.68
N LYS A 389 -22.48 -3.39 11.64
CA LYS A 389 -23.48 -4.13 12.40
C LYS A 389 -22.74 -5.19 13.21
N ASP A 390 -23.32 -5.62 14.32
CA ASP A 390 -22.69 -6.66 15.12
C ASP A 390 -22.41 -7.87 14.24
N MET A 391 -21.27 -8.51 14.47
CA MET A 391 -20.82 -9.64 13.67
C MET A 391 -20.54 -10.81 14.60
N HIS A 392 -21.13 -11.95 14.30
CA HIS A 392 -20.81 -13.17 15.02
C HIS A 392 -19.62 -13.84 14.33
N VAL A 393 -18.60 -14.17 15.12
CA VAL A 393 -17.44 -14.91 14.63
C VAL A 393 -17.80 -16.39 14.57
N PRO A 394 -17.92 -16.99 13.37
CA PRO A 394 -18.34 -18.39 13.27
C PRO A 394 -17.46 -19.33 14.07
N ASN A 395 -18.08 -20.38 14.61
CA ASN A 395 -17.47 -21.40 15.45
C ASN A 395 -16.98 -20.85 16.79
N THR A 396 -17.38 -19.63 17.17
CA THR A 396 -16.99 -19.06 18.45
C THR A 396 -18.20 -18.44 19.15
N SER A 397 -17.97 -18.04 20.39
CA SER A 397 -18.92 -17.26 21.17
C SER A 397 -18.76 -15.75 20.95
N TYR A 398 -17.81 -15.34 20.11
CA TYR A 398 -17.47 -13.94 19.97
C TYR A 398 -18.49 -13.16 19.14
N VAL A 399 -18.75 -11.92 19.56
CA VAL A 399 -19.56 -10.98 18.79
C VAL A 399 -18.78 -9.67 18.72
N ILE A 400 -18.39 -9.27 17.50
CA ILE A 400 -17.69 -8.01 17.28
C ILE A 400 -18.74 -6.92 17.08
N PRO A 401 -18.89 -5.98 18.00
CA PRO A 401 -19.99 -5.01 17.90
C PRO A 401 -19.65 -3.85 16.97
N ALA A 402 -20.72 -3.23 16.47
CA ALA A 402 -20.57 -2.04 15.65
C ALA A 402 -19.76 -0.98 16.40
N GLY A 403 -18.94 -0.23 15.66
CA GLY A 403 -18.00 0.69 16.25
C GLY A 403 -16.62 0.12 16.49
N TYR A 404 -16.49 -1.21 16.52
CA TYR A 404 -15.15 -1.78 16.48
C TYR A 404 -14.58 -1.66 15.07
N HIS A 405 -13.28 -1.90 14.97
CA HIS A 405 -12.60 -2.12 13.72
C HIS A 405 -12.08 -3.55 13.66
N VAL A 406 -12.16 -4.16 12.49
CA VAL A 406 -11.54 -5.44 12.21
C VAL A 406 -10.25 -5.17 11.46
N LEU A 407 -9.22 -5.96 11.77
CA LEU A 407 -7.90 -5.81 11.17
C LEU A 407 -7.50 -7.15 10.56
N VAL A 408 -7.22 -7.15 9.26
CA VAL A 408 -6.72 -8.33 8.57
C VAL A 408 -5.27 -8.07 8.14
N SER A 409 -4.44 -9.12 8.20
CA SER A 409 -3.00 -9.00 7.96
C SER A 409 -2.47 -10.19 7.19
N PRO A 410 -2.76 -10.26 5.88
CA PRO A 410 -2.15 -11.34 5.07
C PRO A 410 -0.64 -11.32 5.12
N GLY A 411 0.00 -10.15 5.26
CA GLY A 411 1.46 -10.10 5.35
C GLY A 411 2.02 -10.84 6.55
N TYR A 412 1.23 -10.99 7.61
CA TYR A 412 1.64 -11.80 8.74
C TYR A 412 1.69 -13.29 8.35
N THR A 413 0.65 -13.78 7.68
CA THR A 413 0.60 -15.17 7.23
C THR A 413 1.70 -15.48 6.20
N HIS A 414 2.03 -14.49 5.35
CA HIS A 414 3.18 -14.61 4.45
C HIS A 414 4.45 -15.00 5.17
N LEU A 415 4.61 -14.61 6.44
CA LEU A 415 5.83 -14.86 7.17
C LEU A 415 5.69 -15.98 8.22
N ARG A 416 4.72 -16.89 8.05
CA ARG A 416 4.54 -18.04 8.94
C ARG A 416 5.10 -19.31 8.29
N ASP A 417 6.01 -19.98 9.01
CA ASP A 417 6.56 -21.25 8.53
C ASP A 417 5.49 -22.30 8.24
N GLU A 418 4.36 -22.28 8.96
CA GLU A 418 3.28 -23.24 8.65
C GLU A 418 2.90 -23.19 7.20
N TYR A 419 2.85 -21.98 6.61
CA TYR A 419 2.36 -21.87 5.24
C TYR A 419 3.46 -21.66 4.21
N PHE A 420 4.64 -21.22 4.64
CA PHE A 420 5.78 -20.99 3.74
C PHE A 420 7.00 -21.50 4.48
N PRO A 421 7.41 -22.74 4.22
CA PRO A 421 8.54 -23.29 4.96
C PRO A 421 9.72 -22.34 4.89
N ASN A 422 10.36 -22.11 6.04
CA ASN A 422 11.54 -21.25 6.11
C ASN A 422 11.18 -19.83 5.66
N ALA A 423 10.17 -19.27 6.34
CA ALA A 423 9.47 -18.11 5.81
C ALA A 423 10.34 -16.86 5.72
N HIS A 424 11.40 -16.75 6.53
CA HIS A 424 12.30 -15.60 6.50
C HIS A 424 13.51 -15.81 5.61
N GLN A 425 13.54 -16.89 4.83
CA GLN A 425 14.54 -17.07 3.79
C GLN A 425 13.94 -16.59 2.49
N PHE A 426 14.68 -15.74 1.77
CA PHE A 426 14.29 -15.27 0.44
C PHE A 426 14.68 -16.35 -0.58
N ASN A 427 13.68 -16.95 -1.22
CA ASN A 427 13.88 -18.11 -2.09
C ASN A 427 12.86 -18.04 -3.22
N ILE A 428 13.28 -17.56 -4.38
CA ILE A 428 12.34 -17.43 -5.49
C ILE A 428 11.91 -18.80 -5.99
N HIS A 429 12.69 -19.84 -5.70
CA HIS A 429 12.39 -21.17 -6.19
C HIS A 429 11.26 -21.85 -5.45
N ARG A 430 10.83 -21.29 -4.31
CA ARG A 430 9.58 -21.80 -3.73
C ARG A 430 8.39 -21.58 -4.67
N TRP A 431 8.52 -20.73 -5.69
CA TRP A 431 7.44 -20.51 -6.66
C TRP A 431 7.66 -21.25 -7.98
N ASN A 432 8.63 -22.15 -8.08
CA ASN A 432 8.84 -22.91 -9.31
C ASN A 432 7.52 -23.53 -9.76
N ASN A 433 7.16 -23.30 -11.03
CA ASN A 433 5.94 -23.79 -11.65
C ASN A 433 4.71 -22.98 -11.21
N ASP A 434 4.86 -21.98 -10.34
CA ASP A 434 3.74 -21.18 -9.84
C ASP A 434 4.18 -19.70 -9.79
N SER A 435 4.53 -19.16 -10.96
CA SER A 435 5.07 -17.81 -11.06
C SER A 435 4.02 -16.72 -11.28
N ALA A 436 2.74 -17.08 -11.41
CA ALA A 436 1.72 -16.06 -11.66
C ALA A 436 1.55 -15.16 -10.43
N SER A 437 1.24 -13.88 -10.68
CA SER A 437 1.11 -12.91 -9.59
C SER A 437 0.10 -13.37 -8.54
N SER A 438 -0.90 -14.15 -8.98
CA SER A 438 -1.90 -14.83 -8.16
C SER A 438 -2.83 -15.57 -9.12
N TYR A 439 -3.80 -16.32 -8.61
CA TYR A 439 -4.80 -16.96 -9.44
C TYR A 439 -5.86 -17.56 -8.53
N SER A 440 -7.13 -17.51 -8.94
CA SER A 440 -8.18 -18.07 -8.10
C SER A 440 -8.11 -19.59 -8.14
N VAL A 441 -8.14 -20.21 -6.95
CA VAL A 441 -8.08 -21.66 -6.85
C VAL A 441 -9.37 -22.34 -7.32
N GLY A 442 -10.44 -21.57 -7.54
CA GLY A 442 -11.68 -22.14 -8.07
C GLY A 442 -12.70 -21.13 -8.55
N GLU A 443 -13.81 -21.03 -7.81
CA GLU A 443 -14.96 -20.25 -8.25
C GLU A 443 -14.70 -18.74 -8.14
N GLU A 444 -15.51 -17.96 -8.86
CA GLU A 444 -15.29 -16.51 -9.00
C GLU A 444 -16.57 -15.70 -8.74
N VAL A 445 -16.42 -14.38 -8.74
CA VAL A 445 -17.51 -13.48 -8.40
C VAL A 445 -17.14 -12.09 -8.88
N ASP A 446 -18.15 -11.26 -9.14
CA ASP A 446 -17.96 -9.94 -9.74
C ASP A 446 -18.69 -8.93 -8.86
N TYR A 447 -17.93 -8.00 -8.28
CA TYR A 447 -18.52 -6.96 -7.45
C TYR A 447 -18.80 -5.70 -8.24
N GLY A 448 -18.44 -5.69 -9.52
CA GLY A 448 -18.62 -4.52 -10.34
C GLY A 448 -17.40 -4.17 -11.20
N PHE A 449 -16.26 -4.83 -10.97
CA PHE A 449 -15.06 -4.48 -11.71
C PHE A 449 -14.36 -5.70 -12.32
N GLY A 450 -15.10 -6.80 -12.49
CA GLY A 450 -14.53 -7.99 -13.09
C GLY A 450 -14.59 -9.19 -12.15
N ALA A 451 -14.64 -10.39 -12.72
CA ALA A 451 -14.76 -11.58 -11.90
C ALA A 451 -13.44 -11.85 -11.20
N ILE A 452 -13.49 -12.04 -9.88
CA ILE A 452 -12.31 -12.31 -9.08
C ILE A 452 -12.61 -13.52 -8.20
N SER A 453 -11.57 -14.02 -7.54
CA SER A 453 -11.72 -15.22 -6.72
C SER A 453 -12.82 -15.05 -5.67
N LYS A 454 -13.72 -16.04 -5.60
CA LYS A 454 -14.75 -16.04 -4.57
C LYS A 454 -14.16 -16.25 -3.18
N GLY A 455 -13.40 -17.33 -3.00
CA GLY A 455 -12.71 -17.55 -1.75
C GLY A 455 -11.48 -16.68 -1.61
N VAL A 456 -11.16 -16.31 -0.37
CA VAL A 456 -9.96 -15.52 -0.12
C VAL A 456 -9.17 -16.18 1.00
N SER A 457 -9.22 -17.51 1.05
CA SER A 457 -8.53 -18.29 2.08
C SER A 457 -7.09 -18.62 1.72
N SER A 458 -6.59 -18.11 0.60
CA SER A 458 -5.22 -18.38 0.22
C SER A 458 -4.27 -17.75 1.23
N PRO A 459 -3.28 -18.49 1.73
CA PRO A 459 -2.31 -17.87 2.67
C PRO A 459 -1.47 -16.77 2.04
N TYR A 460 -1.34 -16.74 0.71
CA TYR A 460 -0.64 -15.69 0.00
C TYR A 460 -1.69 -14.74 -0.57
N LEU A 461 -1.79 -13.53 -0.01
CA LEU A 461 -2.73 -12.51 -0.51
C LEU A 461 -2.05 -11.14 -0.57
N PRO A 462 -1.07 -10.96 -1.45
CA PRO A 462 -0.44 -9.64 -1.56
C PRO A 462 -1.41 -8.53 -2.03
N PHE A 463 -2.50 -8.89 -2.75
CA PHE A 463 -3.40 -7.91 -3.35
C PHE A 463 -4.78 -7.95 -2.71
N GLY A 464 -4.91 -8.57 -1.54
CA GLY A 464 -6.17 -8.69 -0.84
C GLY A 464 -7.15 -9.55 -1.58
N GLY A 465 -8.44 -9.27 -1.37
CA GLY A 465 -9.48 -10.04 -2.01
C GLY A 465 -10.85 -9.50 -1.64
N GLY A 466 -11.87 -10.06 -2.27
CA GLY A 466 -13.21 -9.53 -2.12
C GLY A 466 -13.36 -8.18 -2.80
N ARG A 467 -14.40 -7.45 -2.39
CA ARG A 467 -14.79 -6.25 -3.13
C ARG A 467 -13.71 -5.18 -3.17
N HIS A 468 -12.79 -5.16 -2.18
CA HIS A 468 -11.78 -4.12 -2.09
C HIS A 468 -10.44 -4.55 -2.70
N ARG A 469 -10.45 -5.67 -3.41
CA ARG A 469 -9.24 -6.28 -3.94
C ARG A 469 -8.54 -5.32 -4.91
N CYS A 470 -7.21 -5.43 -4.96
CA CYS A 470 -6.42 -4.59 -5.82
C CYS A 470 -6.77 -4.83 -7.27
N ILE A 471 -6.73 -3.75 -8.07
CA ILE A 471 -6.81 -3.86 -9.51
C ILE A 471 -5.50 -3.45 -10.18
N GLY A 472 -4.46 -3.18 -9.41
CA GLY A 472 -3.18 -2.76 -9.95
C GLY A 472 -2.16 -3.87 -10.12
N GLU A 473 -2.54 -5.11 -9.84
CA GLU A 473 -1.59 -6.23 -9.80
C GLU A 473 -0.82 -6.40 -11.12
N HIS A 474 -1.52 -6.34 -12.27
CA HIS A 474 -0.84 -6.61 -13.54
C HIS A 474 -0.05 -5.40 -14.02
N PHE A 475 -0.51 -4.20 -13.69
CA PHE A 475 0.33 -3.04 -13.92
C PHE A 475 1.57 -3.07 -13.05
N ALA A 476 1.43 -3.43 -11.77
CA ALA A 476 2.60 -3.51 -10.91
C ALA A 476 3.62 -4.52 -11.46
N TYR A 477 3.15 -5.69 -11.87
CA TYR A 477 4.06 -6.71 -12.41
C TYR A 477 4.69 -6.25 -13.71
N CYS A 478 3.89 -5.61 -14.59
CA CYS A 478 4.44 -5.09 -15.84
C CYS A 478 5.53 -4.05 -15.55
N GLN A 479 5.22 -3.09 -14.68
CA GLN A 479 6.17 -2.05 -14.33
C GLN A 479 7.42 -2.63 -13.66
N LEU A 480 7.22 -3.37 -12.57
CA LEU A 480 8.35 -4.02 -11.90
C LEU A 480 9.07 -4.98 -12.84
N GLY A 481 8.34 -5.65 -13.73
CA GLY A 481 8.99 -6.58 -14.64
C GLY A 481 9.92 -5.90 -15.63
N VAL A 482 9.43 -4.86 -16.32
CA VAL A 482 10.30 -4.13 -17.24
C VAL A 482 11.50 -3.58 -16.48
N LEU A 483 11.23 -2.96 -15.33
CA LEU A 483 12.27 -2.29 -14.56
C LEU A 483 13.38 -3.26 -14.14
N MET A 484 13.00 -4.42 -13.59
CA MET A 484 14.00 -5.38 -13.13
C MET A 484 14.70 -6.08 -14.28
N SER A 485 14.01 -6.33 -15.39
CA SER A 485 14.64 -6.89 -16.58
C SER A 485 15.81 -6.03 -17.05
N ILE A 486 15.65 -4.71 -17.02
CA ILE A 486 16.68 -3.79 -17.49
C ILE A 486 17.79 -3.63 -16.46
N PHE A 487 17.43 -3.53 -15.18
CA PHE A 487 18.43 -3.53 -14.11
C PHE A 487 19.35 -4.74 -14.22
N ILE A 488 18.74 -5.93 -14.34
CA ILE A 488 19.50 -7.17 -14.42
C ILE A 488 20.38 -7.18 -15.67
N ARG A 489 19.82 -6.85 -16.83
CA ARG A 489 20.62 -6.92 -18.04
C ARG A 489 21.72 -5.85 -18.06
N THR A 490 21.57 -4.77 -17.31
CA THR A 490 22.48 -3.62 -17.38
C THR A 490 23.51 -3.61 -16.26
N LEU A 491 23.12 -3.99 -15.05
CA LEU A 491 23.96 -3.79 -13.87
C LEU A 491 24.07 -5.06 -13.06
N LYS A 492 25.19 -5.18 -12.35
CA LYS A 492 25.31 -6.02 -11.17
C LYS A 492 25.35 -5.09 -9.96
N TRP A 493 24.96 -5.60 -8.80
CA TRP A 493 25.02 -4.74 -7.62
C TRP A 493 25.19 -5.58 -6.38
N HIS A 494 25.68 -4.93 -5.33
CA HIS A 494 26.03 -5.60 -4.08
C HIS A 494 26.03 -4.55 -2.96
N TYR A 495 26.13 -5.02 -1.72
CA TYR A 495 26.11 -4.13 -0.58
C TYR A 495 27.48 -3.50 -0.34
N PRO A 496 27.51 -2.29 0.24
CA PRO A 496 28.75 -1.85 0.88
C PRO A 496 29.09 -2.81 2.01
N GLU A 497 30.36 -2.83 2.36
CA GLU A 497 30.91 -3.93 3.15
C GLU A 497 30.31 -3.90 4.55
N GLY A 498 29.84 -5.07 5.00
CA GLY A 498 29.20 -5.20 6.30
C GLY A 498 27.72 -4.85 6.36
N LYS A 499 27.13 -4.33 5.27
CA LYS A 499 25.73 -3.97 5.25
C LYS A 499 24.88 -5.14 4.71
N THR A 500 23.63 -5.22 5.17
CA THR A 500 22.74 -6.31 4.75
C THR A 500 21.33 -5.75 4.53
N VAL A 501 20.37 -6.64 4.27
CA VAL A 501 18.99 -6.18 4.06
C VAL A 501 18.51 -5.45 5.31
N PRO A 502 17.96 -4.25 5.20
CA PRO A 502 17.51 -3.53 6.41
C PRO A 502 16.16 -4.05 6.88
N PRO A 503 15.78 -3.78 8.12
CA PRO A 503 14.44 -4.15 8.59
C PRO A 503 13.42 -3.16 8.06
N PRO A 504 12.15 -3.54 8.01
CA PRO A 504 11.12 -2.63 7.51
C PRO A 504 10.74 -1.55 8.52
N ASP A 505 10.29 -0.43 7.97
CA ASP A 505 9.73 0.66 8.77
C ASP A 505 8.21 0.48 8.73
N PHE A 506 7.66 -0.16 9.77
CA PHE A 506 6.24 -0.42 9.80
C PHE A 506 5.39 0.80 10.19
N THR A 507 5.99 1.98 10.40
CA THR A 507 5.21 3.17 10.71
C THR A 507 5.03 4.08 9.50
N SER A 508 5.74 3.84 8.41
CA SER A 508 5.51 4.60 7.20
C SER A 508 4.22 4.13 6.54
N MET A 509 3.85 4.81 5.45
CA MET A 509 2.62 4.47 4.75
C MET A 509 2.65 3.03 4.25
N VAL A 510 3.80 2.59 3.73
CA VAL A 510 4.04 1.21 3.34
C VAL A 510 5.25 0.71 4.12
N THR A 511 5.47 -0.61 4.08
CA THR A 511 6.54 -1.20 4.88
C THR A 511 7.90 -1.03 4.23
N LEU A 512 8.23 0.21 3.86
CA LEU A 512 9.48 0.45 3.14
C LEU A 512 10.69 0.12 4.01
N PRO A 513 11.87 -0.08 3.40
CA PRO A 513 13.06 -0.36 4.19
C PRO A 513 13.49 0.82 5.05
N THR A 514 14.00 0.50 6.24
CA THR A 514 14.66 1.49 7.07
C THR A 514 15.93 2.00 6.38
N GLY A 515 16.03 3.33 6.24
CA GLY A 515 17.11 3.92 5.50
C GLY A 515 18.22 4.45 6.39
N PRO A 516 19.31 4.95 5.78
CA PRO A 516 19.50 4.83 4.33
C PRO A 516 19.96 3.43 3.93
N ALA A 517 19.44 2.96 2.81
CA ALA A 517 19.64 1.59 2.33
C ALA A 517 20.40 1.70 1.00
N LYS A 518 21.72 1.54 1.05
CA LYS A 518 22.56 1.83 -0.10
C LYS A 518 23.07 0.54 -0.75
N ILE A 519 23.18 0.58 -2.07
CA ILE A 519 23.76 -0.50 -2.86
C ILE A 519 24.80 0.14 -3.77
N ILE A 520 25.76 -0.69 -4.19
CA ILE A 520 26.81 -0.30 -5.12
C ILE A 520 26.52 -1.03 -6.43
N TRP A 521 26.36 -0.27 -7.52
CA TRP A 521 26.09 -0.84 -8.83
C TRP A 521 27.34 -0.78 -9.70
N GLU A 522 27.37 -1.63 -10.73
CA GLU A 522 28.47 -1.67 -11.69
C GLU A 522 27.88 -2.03 -13.04
N LYS A 523 28.42 -1.43 -14.11
CA LYS A 523 27.96 -1.77 -15.45
C LYS A 523 28.44 -3.17 -15.84
N ARG A 524 27.52 -4.00 -16.32
CA ARG A 524 27.94 -5.28 -16.86
C ARG A 524 28.77 -5.09 -18.11
N ASN A 525 28.51 -3.99 -18.83
CA ASN A 525 29.20 -3.65 -20.07
C ASN A 525 29.65 -2.20 -19.91
N PRO A 526 30.81 -1.99 -19.27
CA PRO A 526 31.27 -0.61 -19.00
C PRO A 526 31.26 0.29 -20.23
N GLU A 527 31.53 -0.28 -21.41
CA GLU A 527 31.55 0.47 -22.65
C GLU A 527 30.17 0.73 -23.24
N GLN A 528 29.11 0.12 -22.69
CA GLN A 528 27.76 0.37 -23.22
C GLN A 528 27.38 1.84 -23.04
N LYS A 529 26.69 2.39 -24.03
CA LYS A 529 26.25 3.78 -24.01
C LYS A 529 24.78 3.85 -24.39
N ILE A 530 24.05 4.65 -23.63
CA ILE A 530 22.61 4.83 -23.81
C ILE A 530 22.41 6.02 -24.74
N GLY A 531 21.72 5.79 -25.87
CA GLY A 531 21.53 6.81 -26.88
C GLY A 531 20.50 7.87 -26.48
N GLY A 532 20.16 8.70 -27.47
CA GLY A 532 19.27 9.83 -27.23
C GLY A 532 20.02 11.05 -26.75
N ARG A 533 19.28 12.15 -26.57
CA ARG A 533 19.89 13.45 -26.30
C ARG A 533 19.71 13.84 -24.85
N HIS A 534 20.80 14.32 -24.24
CA HIS A 534 20.74 14.97 -22.92
C HIS A 534 21.80 16.06 -22.81
#